data_5ID2
#
_entry.id   5ID2
#
_cell.length_a   146.906
_cell.length_b   146.906
_cell.length_c   33.616
_cell.angle_alpha   90.00
_cell.angle_beta   90.00
_cell.angle_gamma   90.00
#
_symmetry.space_group_name_H-M   'P 42'
#
loop_
_entity.id
_entity.type
_entity.pdbx_description
1 polymer 'Putative peroxiredoxin Rv2238c'
2 polymer 'Putative peroxiredoxin Rv2238c'
3 non-polymer GLYCEROL
4 non-polymer 'ACETATE ION'
5 water water
#
loop_
_entity_poly.entity_id
_entity_poly.type
_entity_poly.pdbx_seq_one_letter_code
_entity_poly.pdbx_strand_id
1 'polypeptide(L)'
;MKHHHHHHPMVMLNVGATAPDFTLRDQNQQLVTLRGYRGAKNVLLVFFPLAFTGI(CSO)QGELDQLRDHLPEFENDDSA
ALAISVGPPPTHKIWATQSGFTFPLLSDFWPHGAVSQAYGVFNEQAGIANRGTFVVDRSGIIRFAEMKQPGEVRDQRLWT
DALAALTA
;
A,D
2 'polypeptide(L)'
;MKHHHHHHPMVMLNVGATAPDFTLRDQNQQLVTLRGYRGAKNVLLVFFPLAFTGICQGELDQLRDHLPEFENDDSAALAI
SVGPPPTHKIWATQSGFTFPLLSDFWPHGAVSQAYGVFNEQAGIANRGTFVVDRSGIIRFAEMKQPGEVRDQRLWTDALA
ALTA
;
B,C
#
# COMPACT_ATOMS: atom_id res chain seq x y z
N VAL A 11 -14.86 3.00 32.74
CA VAL A 11 -14.70 4.38 33.30
C VAL A 11 -13.64 5.18 32.54
N MET A 12 -14.08 6.25 31.87
CA MET A 12 -13.21 7.10 31.06
C MET A 12 -12.12 7.77 31.90
N LEU A 13 -10.89 7.78 31.38
CA LEU A 13 -9.80 8.52 32.04
C LEU A 13 -10.15 10.01 32.05
N ASN A 14 -9.85 10.68 33.18
CA ASN A 14 -10.09 12.09 33.42
C ASN A 14 -8.87 12.97 33.19
N VAL A 15 -9.10 14.28 33.06
CA VAL A 15 -8.03 15.28 33.09
C VAL A 15 -7.14 15.04 34.31
N GLY A 16 -5.83 15.15 34.11
CA GLY A 16 -4.86 14.89 35.17
C GLY A 16 -4.18 13.54 35.09
N ALA A 17 -4.81 12.58 34.42
CA ALA A 17 -4.22 11.24 34.28
C ALA A 17 -3.12 11.22 33.23
N THR A 18 -2.17 10.31 33.42
CA THR A 18 -1.19 10.01 32.38
C THR A 18 -1.88 9.29 31.25
N ALA A 19 -1.66 9.76 30.03
CA ALA A 19 -2.23 9.12 28.85
C ALA A 19 -1.47 7.81 28.61
N PRO A 20 -2.18 6.68 28.64
CA PRO A 20 -1.49 5.42 28.33
C PRO A 20 -0.76 5.46 26.98
N ASP A 21 0.47 4.97 26.96
CA ASP A 21 1.25 4.92 25.73
C ASP A 21 0.72 3.81 24.81
N PHE A 22 0.95 3.95 23.52
CA PHE A 22 0.57 2.92 22.57
C PHE A 22 1.47 2.99 21.35
N THR A 23 1.55 1.87 20.63
CA THR A 23 2.19 1.82 19.33
C THR A 23 1.19 1.14 18.40
N LEU A 24 0.76 1.84 17.36
CA LEU A 24 -0.26 1.32 16.45
C LEU A 24 0.11 1.58 15.00
N ARG A 25 -0.41 0.73 14.11
CA ARG A 25 -0.22 0.89 12.68
C ARG A 25 -1.19 1.95 12.16
N ASP A 26 -0.69 2.88 11.35
CA ASP A 26 -1.57 3.83 10.68
C ASP A 26 -2.08 3.22 9.36
N GLN A 27 -2.82 4.00 8.58
CA GLN A 27 -3.46 3.49 7.36
C GLN A 27 -2.47 3.02 6.29
N ASN A 28 -1.20 3.42 6.41
CA ASN A 28 -0.14 2.95 5.51
C ASN A 28 0.80 1.95 6.18
N GLN A 29 0.30 1.27 7.22
CA GLN A 29 1.07 0.27 7.96
C GLN A 29 2.34 0.78 8.64
N GLN A 30 2.41 2.07 8.91
N GLN A 30 2.44 2.08 8.88
CA GLN A 30 3.57 2.65 9.60
CA GLN A 30 3.62 2.64 9.59
C GLN A 30 3.27 2.78 11.09
C GLN A 30 3.29 2.81 11.08
N LEU A 31 4.28 2.53 11.93
CA LEU A 31 4.11 2.56 13.38
C LEU A 31 4.05 3.99 13.89
N VAL A 32 3.02 4.28 14.66
CA VAL A 32 2.84 5.57 15.30
C VAL A 32 2.73 5.36 16.81
N THR A 33 3.53 6.10 17.57
CA THR A 33 3.55 5.98 19.03
C THR A 33 3.22 7.32 19.65
N LEU A 34 2.42 7.30 20.71
CA LEU A 34 2.07 8.52 21.42
C LEU A 34 3.31 9.17 22.04
N ARG A 35 4.19 8.35 22.62
CA ARG A 35 5.45 8.80 23.23
C ARG A 35 6.27 9.69 22.30
N GLY A 36 6.27 9.39 21.01
CA GLY A 36 7.04 10.16 20.02
C GLY A 36 6.71 11.63 19.92
N TYR A 37 5.52 12.02 20.38
CA TYR A 37 5.09 13.43 20.37
C TYR A 37 5.51 14.18 21.63
N ARG A 38 5.96 13.45 22.65
CA ARG A 38 6.27 14.06 23.93
C ARG A 38 7.38 15.09 23.81
N GLY A 39 7.21 16.22 24.48
CA GLY A 39 8.17 17.31 24.42
C GLY A 39 8.13 18.13 23.15
N ALA A 40 7.22 17.78 22.23
CA ALA A 40 7.20 18.39 20.91
C ALA A 40 5.83 18.96 20.58
N LYS A 41 4.79 18.16 20.71
CA LYS A 41 3.44 18.58 20.34
C LYS A 41 2.38 18.12 21.32
N ASN A 42 1.31 18.90 21.41
CA ASN A 42 0.08 18.46 22.06
C ASN A 42 -0.68 17.59 21.08
N VAL A 43 -1.24 16.48 21.57
CA VAL A 43 -1.86 15.49 20.71
C VAL A 43 -3.36 15.37 20.99
N LEU A 44 -4.15 15.58 19.94
CA LEU A 44 -5.57 15.30 19.98
C LEU A 44 -5.80 13.85 19.63
N LEU A 45 -6.48 13.11 20.50
CA LEU A 45 -6.84 11.72 20.24
C LEU A 45 -8.35 11.64 20.01
N VAL A 46 -8.74 11.18 18.83
CA VAL A 46 -10.15 11.10 18.47
C VAL A 46 -10.52 9.63 18.27
N PHE A 47 -11.09 9.01 19.30
CA PHE A 47 -11.60 7.65 19.18
C PHE A 47 -12.91 7.71 18.42
N PHE A 48 -13.08 6.80 17.46
CA PHE A 48 -14.33 6.68 16.74
C PHE A 48 -14.72 5.21 16.62
N PRO A 49 -16.03 4.92 16.59
CA PRO A 49 -16.48 3.52 16.58
C PRO A 49 -16.20 2.74 15.30
N LEU A 50 -16.67 3.23 14.15
CA LEU A 50 -16.55 2.47 12.91
C LEU A 50 -16.36 3.34 11.69
N ALA A 51 -15.42 2.95 10.83
CA ALA A 51 -15.27 3.56 9.53
C ALA A 51 -16.52 3.31 8.68
N PHE A 52 -16.78 4.23 7.75
CA PHE A 52 -17.90 4.13 6.80
C PHE A 52 -19.27 4.25 7.46
N THR A 53 -19.36 5.00 8.55
CA THR A 53 -20.67 5.31 9.15
C THR A 53 -20.88 6.81 9.12
N GLY A 54 -22.14 7.22 9.07
CA GLY A 54 -22.51 8.61 8.83
C GLY A 54 -21.95 9.61 9.82
N ILE A 55 -22.14 9.33 11.11
CA ILE A 55 -21.68 10.24 12.15
C ILE A 55 -20.15 10.33 12.18
N GLN A 57 -18.16 9.74 9.67
CA GLN A 57 -17.83 10.48 8.45
C GLN A 57 -17.88 11.97 8.72
N GLY A 58 -18.98 12.43 9.32
CA GLY A 58 -19.19 13.84 9.62
C GLY A 58 -18.13 14.41 10.54
N GLU A 59 -17.77 13.65 11.56
CA GLU A 59 -16.80 14.11 12.53
C GLU A 59 -15.39 14.22 11.96
N LEU A 60 -14.97 13.20 11.22
CA LEU A 60 -13.64 13.25 10.59
C LEU A 60 -13.58 14.18 9.39
N ASP A 61 -14.72 14.38 8.72
CA ASP A 61 -14.82 15.42 7.68
C ASP A 61 -14.54 16.81 8.28
N GLN A 62 -15.10 17.08 9.47
CA GLN A 62 -14.86 18.36 10.14
CA GLN A 62 -14.86 18.36 10.15
C GLN A 62 -13.39 18.50 10.53
N LEU A 63 -12.80 17.41 10.98
CA LEU A 63 -11.39 17.38 11.29
C LEU A 63 -10.54 17.65 10.03
N ARG A 64 -10.88 16.98 8.93
CA ARG A 64 -10.24 17.22 7.64
C ARG A 64 -10.38 18.68 7.20
N ASP A 65 -11.59 19.23 7.30
CA ASP A 65 -11.88 20.59 6.84
C ASP A 65 -11.12 21.66 7.60
N HIS A 66 -10.71 21.36 8.84
CA HIS A 66 -10.00 22.31 9.67
C HIS A 66 -8.63 21.78 10.08
N LEU A 67 -8.03 20.97 9.21
CA LEU A 67 -6.79 20.25 9.53
C LEU A 67 -5.60 21.12 9.96
N PRO A 68 -5.42 22.32 9.35
CA PRO A 68 -4.31 23.18 9.78
C PRO A 68 -4.36 23.58 11.27
N GLU A 69 -5.54 23.57 11.87
CA GLU A 69 -5.66 23.85 13.31
C GLU A 69 -5.29 22.64 14.18
N PHE A 70 -5.19 21.46 13.56
CA PHE A 70 -4.89 20.21 14.28
C PHE A 70 -3.51 19.61 13.96
N GLU A 71 -2.99 19.88 12.77
CA GLU A 71 -1.64 19.45 12.39
C GLU A 71 -0.77 20.65 12.07
N ASN A 72 0.12 21.00 12.99
CA ASN A 72 0.97 22.16 12.83
C ASN A 72 2.20 22.01 13.72
N ASP A 73 2.93 23.11 13.97
CA ASP A 73 4.13 23.06 14.81
C ASP A 73 3.83 22.73 16.28
N ASP A 74 2.62 23.06 16.74
CA ASP A 74 2.25 22.88 18.14
C ASP A 74 1.39 21.63 18.38
N SER A 75 0.68 21.17 17.36
CA SER A 75 -0.35 20.16 17.56
C SER A 75 -0.29 19.02 16.53
N ALA A 76 -0.75 17.85 16.97
CA ALA A 76 -0.98 16.73 16.09
C ALA A 76 -2.33 16.12 16.46
N ALA A 77 -2.89 15.36 15.53
CA ALA A 77 -4.18 14.72 15.73
C ALA A 77 -4.13 13.28 15.24
N LEU A 78 -4.65 12.37 16.05
CA LEU A 78 -4.67 10.96 15.70
C LEU A 78 -6.09 10.44 15.88
N ALA A 79 -6.63 9.83 14.83
CA ALA A 79 -7.93 9.18 14.92
C ALA A 79 -7.70 7.70 15.15
N ILE A 80 -8.46 7.10 16.08
CA ILE A 80 -8.23 5.73 16.49
C ILE A 80 -9.53 4.93 16.49
N SER A 81 -9.49 3.76 15.89
CA SER A 81 -10.64 2.85 15.92
C SER A 81 -10.13 1.42 15.78
N VAL A 82 -11.04 0.47 15.95
CA VAL A 82 -10.67 -0.95 15.93
C VAL A 82 -10.45 -1.51 14.52
N GLY A 83 -10.69 -0.72 13.49
CA GLY A 83 -10.48 -1.16 12.12
C GLY A 83 -9.02 -1.38 11.78
N PRO A 84 -8.74 -2.36 10.89
CA PRO A 84 -7.37 -2.59 10.47
C PRO A 84 -6.96 -1.58 9.40
N PRO A 85 -5.64 -1.45 9.15
CA PRO A 85 -5.13 -0.47 8.21
C PRO A 85 -5.79 -0.43 6.81
N PRO A 86 -6.04 -1.59 6.19
CA PRO A 86 -6.64 -1.52 4.86
C PRO A 86 -8.00 -0.82 4.85
N THR A 87 -8.79 -1.03 5.89
CA THR A 87 -10.07 -0.36 6.02
C THR A 87 -9.89 1.15 6.11
N HIS A 88 -8.97 1.58 6.97
CA HIS A 88 -8.67 2.98 7.14
C HIS A 88 -8.04 3.62 5.90
N LYS A 89 -7.21 2.86 5.18
CA LYS A 89 -6.59 3.36 3.95
C LYS A 89 -7.62 3.73 2.88
N ILE A 90 -8.53 2.80 2.59
CA ILE A 90 -9.57 3.05 1.60
C ILE A 90 -10.49 4.19 2.03
N TRP A 91 -10.89 4.20 3.30
CA TRP A 91 -11.75 5.25 3.80
C TRP A 91 -11.07 6.61 3.70
N ALA A 92 -9.79 6.64 4.05
CA ALA A 92 -9.01 7.88 4.06
C ALA A 92 -8.80 8.42 2.64
N THR A 93 -8.43 7.52 1.73
CA THR A 93 -8.25 7.90 0.33
C THR A 93 -9.54 8.46 -0.27
N GLN A 94 -10.66 7.78 -0.03
CA GLN A 94 -11.95 8.20 -0.58
C GLN A 94 -12.53 9.44 0.11
N SER A 95 -12.14 9.69 1.36
CA SER A 95 -12.62 10.87 2.10
C SER A 95 -11.64 12.04 2.07
N GLY A 96 -10.43 11.81 1.59
CA GLY A 96 -9.37 12.81 1.64
C GLY A 96 -8.85 13.08 3.05
N PHE A 97 -8.72 12.03 3.86
CA PHE A 97 -8.08 12.13 5.17
C PHE A 97 -6.57 11.90 5.00
N THR A 98 -5.77 12.91 5.33
CA THR A 98 -4.31 12.79 5.26
C THR A 98 -3.67 12.68 6.65
N PHE A 99 -4.47 12.84 7.69
CA PHE A 99 -4.01 12.65 9.07
C PHE A 99 -4.00 11.17 9.42
N PRO A 100 -3.29 10.78 10.51
CA PRO A 100 -3.22 9.35 10.83
C PRO A 100 -4.53 8.78 11.38
N LEU A 101 -4.96 7.68 10.78
CA LEU A 101 -5.97 6.81 11.35
C LEU A 101 -5.26 5.57 11.86
N LEU A 102 -5.37 5.31 13.16
CA LEU A 102 -4.63 4.21 13.80
C LEU A 102 -5.52 3.02 14.13
N SER A 103 -4.96 1.84 13.98
CA SER A 103 -5.71 0.60 14.15
C SER A 103 -5.54 0.01 15.54
N ASP A 104 -6.60 0.07 16.33
CA ASP A 104 -6.69 -0.62 17.62
C ASP A 104 -7.32 -1.99 17.38
N PHE A 105 -6.68 -2.79 16.53
CA PHE A 105 -7.30 -3.92 15.87
C PHE A 105 -6.98 -5.26 16.52
N TRP A 106 -5.71 -5.46 16.88
CA TRP A 106 -5.26 -6.73 17.44
C TRP A 106 -4.05 -6.53 18.34
N PRO A 107 -4.21 -6.65 19.68
CA PRO A 107 -5.44 -7.02 20.41
C PRO A 107 -6.60 -6.02 20.21
N HIS A 108 -7.81 -6.57 20.13
CA HIS A 108 -8.99 -5.83 19.70
C HIS A 108 -9.42 -4.85 20.78
N GLY A 109 -9.29 -3.56 20.50
CA GLY A 109 -9.77 -2.51 21.41
C GLY A 109 -8.91 -2.28 22.65
N ALA A 110 -7.66 -2.75 22.62
CA ALA A 110 -6.80 -2.68 23.80
C ALA A 110 -6.52 -1.25 24.23
N VAL A 111 -6.18 -0.41 23.27
CA VAL A 111 -5.90 1.00 23.57
C VAL A 111 -7.18 1.69 24.02
N SER A 112 -8.28 1.44 23.32
CA SER A 112 -9.58 1.99 23.73
C SER A 112 -9.93 1.64 25.18
N GLN A 113 -9.66 0.39 25.57
CA GLN A 113 -9.89 -0.06 26.93
C GLN A 113 -9.01 0.67 27.93
N ALA A 114 -7.75 0.89 27.56
CA ALA A 114 -6.80 1.59 28.43
C ALA A 114 -7.24 3.03 28.74
N TYR A 115 -7.96 3.63 27.80
CA TYR A 115 -8.48 5.00 27.97
C TYR A 115 -9.89 5.02 28.57
N GLY A 116 -10.47 3.83 28.77
CA GLY A 116 -11.79 3.70 29.38
C GLY A 116 -12.92 4.10 28.46
N VAL A 117 -12.70 3.99 27.15
CA VAL A 117 -13.71 4.40 26.16
C VAL A 117 -14.15 3.24 25.24
N PHE A 118 -13.90 2.00 25.65
CA PHE A 118 -14.30 0.83 24.86
C PHE A 118 -15.70 0.35 25.23
N ASN A 119 -16.51 0.08 24.21
CA ASN A 119 -17.84 -0.50 24.39
C ASN A 119 -17.74 -2.02 24.34
N GLU A 120 -17.77 -2.66 25.50
CA GLU A 120 -17.60 -4.11 25.61
C GLU A 120 -18.68 -4.92 24.88
N GLN A 121 -19.88 -4.37 24.82
CA GLN A 121 -20.99 -5.07 24.20
C GLN A 121 -20.87 -5.12 22.68
N ALA A 122 -20.70 -3.95 22.06
CA ALA A 122 -20.61 -3.84 20.60
C ALA A 122 -19.20 -4.14 20.04
N GLY A 123 -18.17 -4.08 20.88
CA GLY A 123 -16.80 -4.31 20.44
C GLY A 123 -16.22 -3.16 19.63
N ILE A 124 -16.58 -1.93 19.98
CA ILE A 124 -16.08 -0.74 19.30
C ILE A 124 -15.73 0.34 20.32
N ALA A 125 -14.91 1.30 19.92
CA ALA A 125 -14.65 2.46 20.76
C ALA A 125 -15.87 3.36 20.75
N ASN A 126 -16.22 3.91 21.91
CA ASN A 126 -17.17 5.02 21.99
C ASN A 126 -16.50 6.30 21.46
N ARG A 127 -17.28 7.37 21.33
N ARG A 127 -17.29 7.38 21.33
CA ARG A 127 -16.78 8.66 20.81
CA ARG A 127 -16.79 8.66 20.83
C ARG A 127 -16.07 9.47 21.90
C ARG A 127 -16.07 9.46 21.90
N GLY A 128 -14.89 8.98 22.28
CA GLY A 128 -14.06 9.65 23.27
C GLY A 128 -13.04 10.53 22.59
N THR A 129 -12.75 11.66 23.22
CA THR A 129 -11.74 12.59 22.72
C THR A 129 -10.84 13.02 23.85
N PHE A 130 -9.54 13.09 23.58
CA PHE A 130 -8.58 13.54 24.57
C PHE A 130 -7.59 14.51 23.95
N VAL A 131 -7.12 15.47 24.75
CA VAL A 131 -5.92 16.21 24.41
C VAL A 131 -4.84 15.82 25.41
N VAL A 132 -3.71 15.35 24.87
CA VAL A 132 -2.55 14.98 25.65
C VAL A 132 -1.51 16.07 25.47
N ASP A 133 -1.01 16.63 26.57
CA ASP A 133 -0.02 17.71 26.47
C ASP A 133 1.38 17.18 26.21
N ARG A 134 2.35 18.09 26.12
CA ARG A 134 3.74 17.72 25.82
C ARG A 134 4.39 16.83 26.88
N SER A 135 3.78 16.71 28.05
CA SER A 135 4.29 15.85 29.12
C SER A 135 3.61 14.50 29.21
N GLY A 136 2.61 14.28 28.35
CA GLY A 136 1.88 13.01 28.33
C GLY A 136 0.71 12.99 29.31
N ILE A 137 0.29 14.16 29.79
CA ILE A 137 -0.84 14.26 30.71
C ILE A 137 -2.10 14.64 29.94
N ILE A 138 -3.21 14.00 30.29
CA ILE A 138 -4.50 14.31 29.69
C ILE A 138 -4.97 15.67 30.22
N ARG A 139 -5.25 16.58 29.31
CA ARG A 139 -5.69 17.94 29.66
C ARG A 139 -7.13 18.23 29.23
N PHE A 140 -7.70 17.35 28.42
CA PHE A 140 -9.07 17.48 27.95
C PHE A 140 -9.61 16.06 27.75
N ALA A 141 -10.84 15.83 28.19
CA ALA A 141 -11.46 14.51 28.10
C ALA A 141 -12.96 14.67 27.93
N GLU A 142 -13.50 14.10 26.86
CA GLU A 142 -14.94 14.11 26.64
C GLU A 142 -15.37 12.75 26.13
N MET A 143 -16.64 12.45 26.36
CA MET A 143 -17.27 11.27 25.83
C MET A 143 -18.69 11.65 25.48
N LYS A 144 -19.05 11.50 24.21
CA LYS A 144 -20.42 11.83 23.75
C LYS A 144 -21.42 10.66 23.60
N GLN A 145 -22.70 10.94 23.89
CA GLN A 145 -23.79 9.95 23.75
C GLN A 145 -24.24 9.85 22.30
N PRO A 146 -24.91 8.73 21.95
CA PRO A 146 -25.28 8.53 20.54
C PRO A 146 -26.22 9.62 20.03
N GLY A 147 -26.20 9.79 18.71
CA GLY A 147 -27.06 10.74 18.01
C GLY A 147 -26.54 12.17 18.01
N GLU A 148 -25.49 12.43 18.78
CA GLU A 148 -24.89 13.76 18.87
C GLU A 148 -23.53 13.73 18.20
N VAL A 149 -23.14 14.87 17.63
CA VAL A 149 -21.85 15.03 16.99
C VAL A 149 -20.98 15.88 17.92
N ARG A 150 -19.72 15.50 18.03
CA ARG A 150 -18.81 16.22 18.90
C ARG A 150 -18.53 17.58 18.27
N ASP A 151 -18.23 18.56 19.12
CA ASP A 151 -18.00 19.94 18.72
C ASP A 151 -16.51 20.19 18.55
N GLN A 152 -16.06 20.33 17.31
CA GLN A 152 -14.65 20.51 16.98
C GLN A 152 -14.06 21.84 17.46
N ARG A 153 -14.92 22.83 17.68
CA ARG A 153 -14.50 24.10 18.25
C ARG A 153 -13.90 23.93 19.65
N LEU A 154 -14.41 22.96 20.42
CA LEU A 154 -13.81 22.63 21.72
C LEU A 154 -12.40 22.08 21.56
N TRP A 155 -12.19 21.26 20.53
CA TRP A 155 -10.90 20.61 20.32
C TRP A 155 -9.82 21.65 20.03
N THR A 156 -10.11 22.57 19.10
CA THR A 156 -9.16 23.63 18.72
C THR A 156 -8.94 24.63 19.84
N ASP A 157 -10.00 24.94 20.57
CA ASP A 157 -9.88 25.79 21.73
C ASP A 157 -8.95 25.16 22.78
N ALA A 158 -9.14 23.87 23.09
CA ALA A 158 -8.29 23.16 24.06
C ALA A 158 -6.84 23.11 23.60
N LEU A 159 -6.63 22.86 22.31
CA LEU A 159 -5.28 22.85 21.73
C LEU A 159 -4.63 24.24 21.77
N ALA A 160 -5.40 25.27 21.45
CA ALA A 160 -4.91 26.65 21.46
C ALA A 160 -4.47 27.08 22.86
N ALA A 161 -5.19 26.59 23.87
CA ALA A 161 -4.93 26.95 25.27
C ALA A 161 -3.61 26.35 25.79
N LEU A 162 -3.06 25.36 25.08
CA LEU A 162 -1.82 24.72 25.50
C LEU A 162 -0.57 25.16 24.70
N THR A 163 -0.66 26.32 24.05
CA THR A 163 0.47 27.01 23.42
C THR A 163 0.62 28.44 23.92
N ALA A 164 -0.46 29.21 23.77
CA ALA A 164 -0.51 30.64 24.13
C ALA A 164 -1.89 30.99 24.68
N HIS B 8 -11.48 -24.52 20.95
CA HIS B 8 -10.91 -24.33 19.59
C HIS B 8 -9.91 -25.44 19.26
N PRO B 9 -9.96 -25.96 18.02
CA PRO B 9 -8.97 -26.96 17.63
C PRO B 9 -7.57 -26.36 17.48
N MET B 10 -6.55 -27.21 17.66
CA MET B 10 -5.16 -26.76 17.61
C MET B 10 -4.63 -26.68 16.17
N VAL B 11 -5.30 -27.36 15.24
CA VAL B 11 -4.93 -27.34 13.82
C VAL B 11 -6.16 -26.99 12.97
N MET B 12 -5.97 -26.75 11.66
CA MET B 12 -7.08 -26.61 10.72
C MET B 12 -7.96 -27.86 10.76
N LEU B 13 -9.28 -27.67 10.76
CA LEU B 13 -10.19 -28.81 10.68
C LEU B 13 -10.02 -29.49 9.33
N ASN B 14 -10.04 -30.80 9.30
CA ASN B 14 -9.87 -31.48 8.02
C ASN B 14 -11.12 -32.18 7.59
N VAL B 15 -11.02 -32.78 6.40
CA VAL B 15 -12.12 -33.58 5.86
C VAL B 15 -12.54 -34.65 6.88
N GLY B 16 -13.85 -34.83 6.98
CA GLY B 16 -14.43 -35.77 7.93
C GLY B 16 -15.01 -35.13 9.18
N ALA B 17 -14.54 -33.92 9.51
CA ALA B 17 -15.04 -33.23 10.70
C ALA B 17 -16.39 -32.58 10.45
N THR B 18 -17.17 -32.47 11.52
CA THR B 18 -18.38 -31.66 11.50
C THR B 18 -17.97 -30.19 11.40
N ALA B 19 -18.57 -29.47 10.46
CA ALA B 19 -18.34 -28.03 10.32
C ALA B 19 -19.03 -27.28 11.46
N PRO B 20 -18.27 -26.53 12.27
CA PRO B 20 -18.91 -25.82 13.38
C PRO B 20 -19.99 -24.89 12.86
N ASP B 21 -21.13 -24.87 13.54
CA ASP B 21 -22.24 -24.00 13.15
CA ASP B 21 -22.22 -24.00 13.18
C ASP B 21 -21.89 -22.57 13.54
N PHE B 22 -22.50 -21.62 12.86
CA PHE B 22 -22.32 -20.22 13.21
C PHE B 22 -23.52 -19.44 12.76
N THR B 23 -23.72 -18.30 13.40
CA THR B 23 -24.70 -17.33 12.99
C THR B 23 -23.99 -15.99 12.92
N LEU B 24 -23.94 -15.39 11.74
CA LEU B 24 -23.18 -14.17 11.54
C LEU B 24 -23.98 -13.16 10.73
N ARG B 25 -23.67 -11.88 10.93
CA ARG B 25 -24.27 -10.82 10.16
C ARG B 25 -23.59 -10.69 8.81
N ASP B 26 -24.37 -10.62 7.74
CA ASP B 26 -23.81 -10.37 6.42
C ASP B 26 -23.66 -8.85 6.22
N GLN B 27 -23.26 -8.44 5.02
CA GLN B 27 -22.97 -7.03 4.75
C GLN B 27 -24.19 -6.11 4.88
N ASN B 28 -25.39 -6.68 4.87
CA ASN B 28 -26.63 -5.93 5.08
C ASN B 28 -27.23 -6.16 6.46
N GLN B 29 -26.39 -6.56 7.42
CA GLN B 29 -26.81 -6.84 8.80
C GLN B 29 -27.88 -7.93 8.93
N GLN B 30 -27.98 -8.83 7.97
CA GLN B 30 -28.91 -9.95 8.03
C GLN B 30 -28.22 -11.19 8.56
N LEU B 31 -28.91 -11.96 9.39
CA LEU B 31 -28.34 -13.16 9.98
C LEU B 31 -28.24 -14.29 8.97
N VAL B 32 -27.05 -14.88 8.86
CA VAL B 32 -26.83 -16.04 8.01
C VAL B 32 -26.26 -17.15 8.87
N THR B 33 -26.85 -18.33 8.75
CA THR B 33 -26.49 -19.46 9.54
C THR B 33 -26.08 -20.63 8.63
N LEU B 34 -25.00 -21.32 8.98
CA LEU B 34 -24.56 -22.50 8.22
C LEU B 34 -25.63 -23.59 8.22
N ARG B 35 -26.22 -23.83 9.38
CA ARG B 35 -27.29 -24.83 9.54
C ARG B 35 -28.41 -24.72 8.51
N GLY B 36 -28.77 -23.49 8.13
CA GLY B 36 -29.84 -23.22 7.17
C GLY B 36 -29.65 -23.86 5.80
N TYR B 37 -28.42 -24.22 5.45
CA TYR B 37 -28.13 -24.88 4.18
C TYR B 37 -28.17 -26.40 4.25
N ARG B 38 -28.24 -26.96 5.47
CA ARG B 38 -28.17 -28.42 5.66
C ARG B 38 -29.37 -29.11 4.99
N GLY B 39 -29.10 -30.20 4.29
CA GLY B 39 -30.13 -30.92 3.53
C GLY B 39 -30.56 -30.27 2.23
N ALA B 40 -29.93 -29.15 1.86
CA ALA B 40 -30.34 -28.38 0.69
C ALA B 40 -29.17 -28.13 -0.26
N LYS B 41 -28.08 -27.58 0.27
CA LYS B 41 -26.93 -27.22 -0.57
C LYS B 41 -25.59 -27.54 0.06
N ASN B 42 -24.60 -27.78 -0.79
CA ASN B 42 -23.22 -27.85 -0.35
C ASN B 42 -22.73 -26.42 -0.25
N VAL B 43 -21.99 -26.12 0.81
CA VAL B 43 -21.57 -24.75 1.11
C VAL B 43 -20.07 -24.61 1.01
N LEU B 44 -19.64 -23.70 0.14
CA LEU B 44 -18.24 -23.27 0.08
C LEU B 44 -18.04 -22.16 1.11
N LEU B 45 -17.09 -22.35 2.00
CA LEU B 45 -16.70 -21.33 2.97
C LEU B 45 -15.34 -20.78 2.57
N VAL B 46 -15.29 -19.48 2.30
CA VAL B 46 -14.05 -18.84 1.90
C VAL B 46 -13.65 -17.83 2.99
N PHE B 47 -12.74 -18.24 3.88
CA PHE B 47 -12.17 -17.33 4.85
C PHE B 47 -11.16 -16.44 4.14
N PHE B 48 -11.21 -15.14 4.40
CA PHE B 48 -10.23 -14.22 3.87
C PHE B 48 -9.76 -13.27 4.96
N PRO B 49 -8.49 -12.82 4.87
CA PRO B 49 -7.93 -12.05 5.97
C PRO B 49 -8.51 -10.64 6.12
N LEU B 50 -8.46 -9.83 5.08
CA LEU B 50 -8.86 -8.43 5.19
C LEU B 50 -9.49 -7.89 3.92
N ALA B 51 -10.59 -7.17 4.08
CA ALA B 51 -11.18 -6.42 2.98
C ALA B 51 -10.23 -5.31 2.53
N PHE B 52 -10.35 -4.95 1.26
CA PHE B 52 -9.54 -3.88 0.64
C PHE B 52 -8.06 -4.20 0.54
N THR B 53 -7.72 -5.47 0.37
CA THR B 53 -6.34 -5.85 0.09
C THR B 53 -6.31 -6.54 -1.26
N GLY B 54 -5.17 -6.42 -1.92
CA GLY B 54 -5.02 -6.84 -3.30
C GLY B 54 -5.35 -8.30 -3.55
N ILE B 55 -4.75 -9.19 -2.77
CA ILE B 55 -4.96 -10.63 -2.97
C ILE B 55 -6.40 -11.03 -2.70
N CYS B 56 -6.98 -10.54 -1.61
CA CYS B 56 -8.38 -10.81 -1.30
C CYS B 56 -9.28 -10.24 -2.40
N GLN B 57 -8.97 -9.05 -2.91
CA GLN B 57 -9.72 -8.47 -4.03
C GLN B 57 -9.72 -9.42 -5.22
N GLY B 58 -8.54 -9.91 -5.58
CA GLY B 58 -8.37 -10.83 -6.68
C GLY B 58 -9.16 -12.11 -6.50
N GLU B 59 -9.12 -12.68 -5.31
CA GLU B 59 -9.77 -13.96 -5.03
C GLU B 59 -11.28 -13.82 -5.09
N LEU B 60 -11.82 -12.78 -4.46
CA LEU B 60 -13.28 -12.57 -4.46
C LEU B 60 -13.77 -12.06 -5.81
N ASP B 61 -12.92 -11.34 -6.55
CA ASP B 61 -13.24 -10.96 -7.93
C ASP B 61 -13.42 -12.21 -8.80
N GLN B 62 -12.53 -13.18 -8.62
CA GLN B 62 -12.61 -14.44 -9.33
C GLN B 62 -13.88 -15.22 -8.93
N LEU B 63 -14.22 -15.18 -7.65
CA LEU B 63 -15.48 -15.76 -7.16
C LEU B 63 -16.69 -15.05 -7.81
N ARG B 64 -16.68 -13.72 -7.81
CA ARG B 64 -17.70 -12.91 -8.46
C ARG B 64 -17.85 -13.24 -9.94
N ASP B 65 -16.72 -13.30 -10.65
CA ASP B 65 -16.72 -13.55 -12.09
C ASP B 65 -17.24 -14.93 -12.47
N HIS B 66 -17.19 -15.89 -11.56
CA HIS B 66 -17.66 -17.26 -11.81
C HIS B 66 -18.77 -17.66 -10.85
N LEU B 67 -19.56 -16.67 -10.42
CA LEU B 67 -20.56 -16.86 -9.36
C LEU B 67 -21.61 -17.95 -9.64
N PRO B 68 -22.06 -18.10 -10.89
CA PRO B 68 -23.01 -19.19 -11.18
C PRO B 68 -22.52 -20.60 -10.81
N GLU B 69 -21.20 -20.81 -10.79
CA GLU B 69 -20.64 -22.11 -10.39
C GLU B 69 -20.64 -22.31 -8.88
N PHE B 70 -20.87 -21.23 -8.13
CA PHE B 70 -20.86 -21.26 -6.67
C PHE B 70 -22.22 -21.00 -6.02
N GLU B 71 -23.11 -20.26 -6.69
CA GLU B 71 -24.47 -20.03 -6.22
C GLU B 71 -25.46 -20.59 -7.23
N ASN B 72 -26.02 -21.75 -6.91
CA ASN B 72 -26.97 -22.42 -7.80
C ASN B 72 -27.87 -23.35 -6.97
N ASP B 73 -28.55 -24.28 -7.62
CA ASP B 73 -29.46 -25.21 -6.93
C ASP B 73 -28.72 -26.17 -6.00
N ASP B 74 -27.47 -26.47 -6.32
CA ASP B 74 -26.68 -27.43 -5.55
C ASP B 74 -25.72 -26.79 -4.55
N SER B 75 -25.31 -25.55 -4.81
CA SER B 75 -24.21 -24.94 -4.07
C SER B 75 -24.51 -23.52 -3.59
N ALA B 76 -23.88 -23.16 -2.47
CA ALA B 76 -23.84 -21.80 -1.99
C ALA B 76 -22.42 -21.47 -1.58
N ALA B 77 -22.10 -20.19 -1.51
CA ALA B 77 -20.78 -19.72 -1.14
C ALA B 77 -20.89 -18.58 -0.13
N LEU B 78 -20.07 -18.66 0.92
CA LEU B 78 -20.04 -17.63 1.95
C LEU B 78 -18.61 -17.20 2.16
N ALA B 79 -18.35 -15.90 2.08
CA ALA B 79 -17.04 -15.35 2.38
C ALA B 79 -17.07 -14.83 3.82
N ILE B 80 -16.02 -15.14 4.58
CA ILE B 80 -15.99 -14.82 6.01
C ILE B 80 -14.68 -14.15 6.40
N SER B 81 -14.79 -13.06 7.15
CA SER B 81 -13.61 -12.34 7.61
C SER B 81 -13.96 -11.54 8.87
N VAL B 82 -12.94 -11.03 9.55
CA VAL B 82 -13.13 -10.37 10.86
C VAL B 82 -13.71 -8.95 10.75
N GLY B 83 -13.88 -8.45 9.53
CA GLY B 83 -14.46 -7.13 9.32
C GLY B 83 -15.92 -7.03 9.70
N PRO B 84 -16.35 -5.86 10.19
CA PRO B 84 -17.76 -5.67 10.50
C PRO B 84 -18.59 -5.36 9.25
N PRO B 85 -19.92 -5.48 9.35
CA PRO B 85 -20.78 -5.34 8.17
C PRO B 85 -20.58 -4.05 7.34
N PRO B 86 -20.41 -2.89 7.98
CA PRO B 86 -20.24 -1.69 7.16
C PRO B 86 -19.02 -1.74 6.25
N THR B 87 -17.94 -2.35 6.73
CA THR B 87 -16.75 -2.53 5.92
C THR B 87 -17.07 -3.43 4.71
N HIS B 88 -17.72 -4.55 4.95
CA HIS B 88 -18.07 -5.48 3.90
C HIS B 88 -19.08 -4.91 2.91
N LYS B 89 -20.00 -4.09 3.41
CA LYS B 89 -21.03 -3.46 2.57
C LYS B 89 -20.40 -2.54 1.54
N ILE B 90 -19.53 -1.64 1.98
CA ILE B 90 -18.87 -0.72 1.07
C ILE B 90 -17.98 -1.47 0.07
N TRP B 91 -17.24 -2.44 0.56
CA TRP B 91 -16.37 -3.23 -0.31
C TRP B 91 -17.19 -3.99 -1.36
N ALA B 92 -18.30 -4.59 -0.93
CA ALA B 92 -19.14 -5.39 -1.80
C ALA B 92 -19.83 -4.53 -2.86
N THR B 93 -20.37 -3.38 -2.45
CA THR B 93 -21.00 -2.44 -3.36
C THR B 93 -20.01 -1.97 -4.43
N GLN B 94 -18.81 -1.58 -4.00
CA GLN B 94 -17.79 -1.07 -4.91
C GLN B 94 -17.16 -2.14 -5.79
N SER B 95 -17.19 -3.40 -5.34
CA SER B 95 -16.62 -4.52 -6.10
C SER B 95 -17.68 -5.32 -6.88
N GLY B 96 -18.95 -5.05 -6.62
CA GLY B 96 -20.04 -5.83 -7.21
C GLY B 96 -20.13 -7.25 -6.67
N PHE B 97 -19.89 -7.43 -5.37
CA PHE B 97 -20.08 -8.73 -4.72
C PHE B 97 -21.52 -8.83 -4.25
N THR B 98 -22.26 -9.80 -4.78
CA THR B 98 -23.67 -10.02 -4.42
C THR B 98 -23.86 -11.26 -3.55
N PHE B 99 -22.79 -12.02 -3.36
CA PHE B 99 -22.78 -13.16 -2.45
C PHE B 99 -22.57 -12.65 -1.01
N PRO B 100 -22.88 -13.48 -0.01
CA PRO B 100 -22.72 -13.02 1.39
C PRO B 100 -21.28 -12.91 1.85
N LEU B 101 -20.95 -11.74 2.42
CA LEU B 101 -19.73 -11.56 3.18
C LEU B 101 -20.12 -11.47 4.65
N LEU B 102 -19.60 -12.39 5.47
CA LEU B 102 -20.03 -12.51 6.85
C LEU B 102 -18.99 -11.98 7.82
N SER B 103 -19.45 -11.36 8.90
CA SER B 103 -18.57 -10.71 9.88
C SER B 103 -18.25 -11.59 11.08
N ASP B 104 -17.01 -12.04 11.15
CA ASP B 104 -16.48 -12.75 12.30
C ASP B 104 -15.80 -11.72 13.20
N PHE B 105 -16.58 -10.73 13.65
CA PHE B 105 -16.05 -9.46 14.15
C PHE B 105 -16.00 -9.36 15.66
N TRP B 106 -17.06 -9.78 16.33
CA TRP B 106 -17.14 -9.67 17.80
C TRP B 106 -18.07 -10.75 18.35
N PRO B 107 -17.50 -11.77 19.03
CA PRO B 107 -16.08 -11.96 19.36
C PRO B 107 -15.16 -12.08 18.13
N HIS B 108 -13.96 -11.50 18.26
CA HIS B 108 -13.05 -11.30 17.14
C HIS B 108 -12.42 -12.63 16.72
N GLY B 109 -12.80 -13.10 15.53
CA GLY B 109 -12.21 -14.30 14.96
C GLY B 109 -12.69 -15.62 15.57
N ALA B 110 -13.83 -15.59 16.26
CA ALA B 110 -14.33 -16.78 16.96
C ALA B 110 -14.63 -17.94 16.00
N VAL B 111 -15.33 -17.65 14.91
CA VAL B 111 -15.65 -18.68 13.93
C VAL B 111 -14.36 -19.16 13.25
N SER B 112 -13.49 -18.23 12.87
CA SER B 112 -12.20 -18.60 12.30
C SER B 112 -11.42 -19.55 13.20
N GLN B 113 -11.44 -19.27 14.51
CA GLN B 113 -10.78 -20.13 15.50
C GLN B 113 -11.41 -21.52 15.58
N ALA B 114 -12.74 -21.57 15.51
CA ALA B 114 -13.46 -22.84 15.53
C ALA B 114 -13.13 -23.75 14.34
N TYR B 115 -12.74 -23.15 13.22
CA TYR B 115 -12.31 -23.90 12.03
C TYR B 115 -10.80 -24.13 12.00
N GLY B 116 -10.08 -23.57 12.97
CA GLY B 116 -8.64 -23.74 13.06
C GLY B 116 -7.86 -22.95 12.01
N VAL B 117 -8.43 -21.86 11.50
CA VAL B 117 -7.81 -21.07 10.44
C VAL B 117 -7.55 -19.62 10.85
N PHE B 118 -7.54 -19.36 12.15
CA PHE B 118 -7.27 -18.03 12.65
C PHE B 118 -5.77 -17.86 12.84
N ASN B 119 -5.24 -16.72 12.39
CA ASN B 119 -3.85 -16.33 12.62
C ASN B 119 -3.76 -15.53 13.91
N GLU B 120 -3.30 -16.19 14.97
N GLU B 120 -3.30 -16.19 14.98
CA GLU B 120 -3.24 -15.61 16.31
CA GLU B 120 -3.24 -15.60 16.31
C GLU B 120 -2.30 -14.40 16.39
C GLU B 120 -2.31 -14.39 16.38
N GLN B 121 -1.26 -14.39 15.57
CA GLN B 121 -0.30 -13.28 15.58
CA GLN B 121 -0.30 -13.30 15.56
C GLN B 121 -0.89 -12.01 14.99
N ALA B 122 -1.39 -12.10 13.76
CA ALA B 122 -1.95 -10.94 13.04
C ALA B 122 -3.40 -10.60 13.39
N GLY B 123 -4.14 -11.53 13.98
CA GLY B 123 -5.55 -11.31 14.33
C GLY B 123 -6.48 -11.31 13.14
N ILE B 124 -6.19 -12.14 12.16
CA ILE B 124 -7.00 -12.25 10.96
C ILE B 124 -7.16 -13.71 10.59
N ALA B 125 -8.17 -14.03 9.80
CA ALA B 125 -8.30 -15.37 9.27
C ALA B 125 -7.23 -15.58 8.20
N ASN B 126 -6.61 -16.76 8.21
CA ASN B 126 -5.81 -17.20 7.08
C ASN B 126 -6.72 -17.50 5.91
N ARG B 127 -6.12 -17.79 4.76
CA ARG B 127 -6.87 -18.11 3.57
C ARG B 127 -7.30 -19.57 3.59
N GLY B 128 -8.26 -19.87 4.45
CA GLY B 128 -8.82 -21.19 4.59
C GLY B 128 -10.07 -21.32 3.74
N THR B 129 -10.26 -22.50 3.18
CA THR B 129 -11.39 -22.80 2.36
C THR B 129 -11.95 -24.15 2.74
N PHE B 130 -13.26 -24.24 2.82
CA PHE B 130 -13.90 -25.50 3.14
C PHE B 130 -15.10 -25.71 2.23
N VAL B 131 -15.39 -26.96 1.93
CA VAL B 131 -16.68 -27.33 1.39
C VAL B 131 -17.40 -28.20 2.41
N VAL B 132 -18.59 -27.75 2.79
CA VAL B 132 -19.43 -28.44 3.74
C VAL B 132 -20.58 -29.08 2.97
N ASP B 133 -20.76 -30.40 3.13
CA ASP B 133 -21.79 -31.10 2.37
C ASP B 133 -23.17 -30.92 3.01
N ARG B 134 -24.18 -31.53 2.39
CA ARG B 134 -25.56 -31.39 2.85
C ARG B 134 -25.82 -31.96 4.26
N SER B 135 -24.88 -32.74 4.79
CA SER B 135 -24.99 -33.27 6.15
C SER B 135 -24.19 -32.48 7.18
N GLY B 136 -23.45 -31.45 6.73
CA GLY B 136 -22.68 -30.61 7.64
C GLY B 136 -21.29 -31.15 7.91
N ILE B 137 -20.84 -32.05 7.06
CA ILE B 137 -19.51 -32.64 7.16
C ILE B 137 -18.56 -31.93 6.19
N ILE B 138 -17.36 -31.62 6.67
CA ILE B 138 -16.34 -31.02 5.82
C ILE B 138 -15.84 -32.07 4.84
N ARG B 139 -15.90 -31.74 3.55
CA ARG B 139 -15.48 -32.64 2.49
C ARG B 139 -14.28 -32.13 1.72
N PHE B 140 -13.91 -30.87 1.95
CA PHE B 140 -12.74 -30.26 1.34
C PHE B 140 -12.17 -29.23 2.31
N ALA B 141 -10.85 -29.20 2.45
CA ALA B 141 -10.19 -28.32 3.40
C ALA B 141 -8.82 -27.92 2.87
N GLU B 142 -8.58 -26.62 2.78
CA GLU B 142 -7.26 -26.10 2.43
C GLU B 142 -6.97 -24.89 3.31
N MET B 143 -5.69 -24.59 3.52
CA MET B 143 -5.29 -23.35 4.18
C MET B 143 -4.03 -22.74 3.57
N LYS B 144 -4.19 -21.58 2.94
N LYS B 144 -4.19 -21.58 2.95
CA LYS B 144 -3.12 -20.83 2.35
CA LYS B 144 -3.12 -20.82 2.37
C LYS B 144 -2.88 -19.64 3.28
C LYS B 144 -2.88 -19.64 3.29
N GLN B 145 -1.67 -19.12 3.29
CA GLN B 145 -1.31 -17.93 4.09
C GLN B 145 -1.75 -16.64 3.37
N PRO B 146 -1.82 -15.51 4.10
CA PRO B 146 -2.29 -14.26 3.48
C PRO B 146 -1.47 -13.78 2.28
N GLY B 147 -0.22 -14.22 2.15
CA GLY B 147 0.61 -13.91 0.97
C GLY B 147 0.51 -14.89 -0.21
N GLU B 148 -0.33 -15.91 -0.11
CA GLU B 148 -0.47 -16.93 -1.16
C GLU B 148 -1.83 -16.81 -1.83
N VAL B 149 -1.94 -17.24 -3.08
CA VAL B 149 -3.24 -17.24 -3.79
C VAL B 149 -3.76 -18.66 -3.89
N ARG B 150 -5.08 -18.82 -3.77
CA ARG B 150 -5.77 -20.12 -3.88
C ARG B 150 -6.21 -20.44 -5.31
N ASP B 151 -6.36 -21.73 -5.60
CA ASP B 151 -6.81 -22.20 -6.91
C ASP B 151 -8.31 -22.51 -6.89
N GLN B 152 -9.10 -21.64 -7.52
CA GLN B 152 -10.56 -21.78 -7.49
C GLN B 152 -11.10 -22.98 -8.32
N ARG B 153 -10.27 -23.53 -9.21
N ARG B 153 -10.27 -23.53 -9.21
CA ARG B 153 -10.62 -24.76 -9.93
CA ARG B 153 -10.62 -24.74 -9.93
C ARG B 153 -10.83 -25.90 -8.95
C ARG B 153 -10.83 -25.91 -8.96
N LEU B 154 -10.06 -25.92 -7.87
CA LEU B 154 -10.24 -26.93 -6.82
C LEU B 154 -11.60 -26.78 -6.13
N TRP B 155 -12.04 -25.53 -5.94
CA TRP B 155 -13.34 -25.27 -5.28
C TRP B 155 -14.49 -25.84 -6.11
N THR B 156 -14.53 -25.49 -7.40
CA THR B 156 -15.62 -25.94 -8.27
C THR B 156 -15.57 -27.45 -8.49
N ASP B 157 -14.35 -28.00 -8.56
CA ASP B 157 -14.12 -29.45 -8.64
C ASP B 157 -14.74 -30.18 -7.46
N ALA B 158 -14.42 -29.69 -6.28
CA ALA B 158 -14.95 -30.27 -5.05
C ALA B 158 -16.48 -30.14 -4.94
N LEU B 159 -17.01 -28.98 -5.35
CA LEU B 159 -18.47 -28.79 -5.37
C LEU B 159 -19.14 -29.71 -6.40
N ALA B 160 -18.53 -29.86 -7.57
CA ALA B 160 -19.08 -30.69 -8.64
C ALA B 160 -19.15 -32.16 -8.23
N ALA B 161 -18.17 -32.59 -7.44
CA ALA B 161 -18.09 -33.97 -6.99
C ALA B 161 -19.17 -34.35 -5.99
N LEU B 162 -19.84 -33.36 -5.41
CA LEU B 162 -20.88 -33.59 -4.40
C LEU B 162 -22.30 -33.33 -4.92
N THR B 163 -22.47 -33.26 -6.24
CA THR B 163 -23.79 -32.88 -6.79
C THR B 163 -24.81 -34.00 -6.73
N ALA B 164 -26.06 -33.63 -6.45
CA ALA B 164 -27.21 -34.56 -6.39
C ALA B 164 -27.13 -35.56 -5.23
N HIS C 8 30.73 15.74 -16.84
CA HIS C 8 30.48 15.28 -15.45
C HIS C 8 31.80 15.09 -14.69
N PRO C 9 31.87 15.56 -13.43
CA PRO C 9 33.11 15.41 -12.66
C PRO C 9 33.42 13.97 -12.29
N MET C 10 34.71 13.68 -12.11
CA MET C 10 35.17 12.32 -11.83
C MET C 10 35.04 11.96 -10.34
N VAL C 11 34.91 12.98 -9.49
CA VAL C 11 34.72 12.79 -8.04
C VAL C 11 33.50 13.60 -7.57
N MET C 12 33.08 13.41 -6.32
CA MET C 12 32.06 14.26 -5.69
C MET C 12 32.54 15.70 -5.73
N LEU C 13 31.64 16.63 -6.06
CA LEU C 13 31.96 18.05 -5.99
C LEU C 13 32.22 18.42 -4.54
N ASN C 14 33.23 19.24 -4.30
CA ASN C 14 33.48 19.61 -2.92
C ASN C 14 33.19 21.06 -2.66
N VAL C 15 33.38 21.43 -1.39
CA VAL C 15 33.25 22.78 -0.94
C VAL C 15 34.08 23.74 -1.80
N GLY C 16 33.49 24.87 -2.17
CA GLY C 16 34.13 25.84 -3.05
C GLY C 16 33.65 25.82 -4.49
N ALA C 17 33.08 24.71 -4.92
CA ALA C 17 32.59 24.58 -6.29
C ALA C 17 31.24 25.25 -6.47
N THR C 18 30.98 25.71 -7.69
CA THR C 18 29.66 26.18 -8.07
C THR C 18 28.73 24.98 -8.15
N ALA C 19 27.57 25.08 -7.51
CA ALA C 19 26.56 24.03 -7.57
C ALA C 19 25.91 24.03 -8.95
N PRO C 20 26.01 22.91 -9.69
CA PRO C 20 25.37 22.88 -11.01
C PRO C 20 23.87 23.20 -10.92
N ASP C 21 23.38 24.03 -11.83
N ASP C 21 23.38 24.03 -11.83
CA ASP C 21 21.96 24.38 -11.85
CA ASP C 21 21.97 24.35 -11.89
C ASP C 21 21.16 23.19 -12.40
C ASP C 21 21.17 23.17 -12.39
N PHE C 22 19.89 23.12 -12.04
CA PHE C 22 19.01 22.10 -12.56
C PHE C 22 17.58 22.60 -12.52
N THR C 23 16.76 22.01 -13.38
CA THR C 23 15.33 22.22 -13.36
C THR C 23 14.70 20.84 -13.36
N LEU C 24 13.97 20.51 -12.31
CA LEU C 24 13.40 19.18 -12.17
C LEU C 24 11.94 19.25 -11.73
N ARG C 25 11.19 18.20 -12.07
CA ARG C 25 9.81 18.07 -11.65
C ARG C 25 9.75 17.56 -10.23
N ASP C 26 8.92 18.21 -9.39
CA ASP C 26 8.70 17.71 -8.06
C ASP C 26 7.59 16.67 -8.08
N GLN C 27 7.19 16.20 -6.92
CA GLN C 27 6.19 15.13 -6.84
C GLN C 27 4.80 15.50 -7.40
N ASN C 28 4.54 16.80 -7.55
CA ASN C 28 3.29 17.28 -8.15
C ASN C 28 3.50 17.80 -9.57
N GLN C 29 4.56 17.33 -10.22
CA GLN C 29 4.90 17.73 -11.59
C GLN C 29 5.16 19.23 -11.77
N GLN C 30 5.55 19.92 -10.71
CA GLN C 30 5.88 21.35 -10.79
C GLN C 30 7.39 21.53 -10.93
N LEU C 31 7.79 22.49 -11.75
CA LEU C 31 9.21 22.72 -12.00
C LEU C 31 9.87 23.42 -10.81
N VAL C 32 10.98 22.85 -10.34
CA VAL C 32 11.78 23.46 -9.28
C VAL C 32 13.20 23.63 -9.78
N THR C 33 13.74 24.84 -9.61
CA THR C 33 15.09 25.17 -10.09
C THR C 33 15.94 25.63 -8.92
N LEU C 34 17.19 25.20 -8.91
CA LEU C 34 18.13 25.63 -7.88
C LEU C 34 18.36 27.14 -7.94
N ARG C 35 18.51 27.66 -9.16
CA ARG C 35 18.71 29.10 -9.39
C ARG C 35 17.70 29.99 -8.66
N GLY C 36 16.45 29.54 -8.60
CA GLY C 36 15.37 30.29 -7.95
C GLY C 36 15.58 30.64 -6.48
N TYR C 37 16.47 29.92 -5.81
CA TYR C 37 16.81 30.19 -4.39
C TYR C 37 17.98 31.16 -4.21
N ARG C 38 18.68 31.46 -5.30
CA ARG C 38 19.89 32.26 -5.21
C ARG C 38 19.59 33.68 -4.73
N GLY C 39 20.41 34.20 -3.82
CA GLY C 39 20.17 35.52 -3.21
C GLY C 39 19.08 35.56 -2.14
N ALA C 40 18.48 34.41 -1.84
CA ALA C 40 17.33 34.35 -0.95
C ALA C 40 17.54 33.35 0.18
N LYS C 41 17.88 32.11 -0.18
CA LYS C 41 18.02 31.05 0.82
C LYS C 41 19.21 30.15 0.57
N ASN C 42 19.74 29.58 1.65
CA ASN C 42 20.70 28.50 1.55
C ASN C 42 19.92 27.22 1.32
N VAL C 43 20.40 26.38 0.41
CA VAL C 43 19.66 25.21 -0.01
C VAL C 43 20.39 23.93 0.39
N LEU C 44 19.69 23.10 1.15
CA LEU C 44 20.15 21.75 1.46
C LEU C 44 19.69 20.84 0.32
N LEU C 45 20.65 20.14 -0.29
CA LEU C 45 20.34 19.13 -1.31
C LEU C 45 20.60 17.77 -0.73
N VAL C 46 19.55 16.94 -0.67
CA VAL C 46 19.66 15.59 -0.12
C VAL C 46 19.40 14.58 -1.23
N PHE C 47 20.49 14.06 -1.81
CA PHE C 47 20.38 12.99 -2.79
C PHE C 47 20.08 11.70 -2.02
N PHE C 48 19.13 10.91 -2.52
CA PHE C 48 18.85 9.61 -1.94
C PHE C 48 18.71 8.58 -3.04
N PRO C 49 19.09 7.33 -2.76
CA PRO C 49 19.07 6.31 -3.80
C PRO C 49 17.69 5.88 -4.30
N LEU C 50 16.82 5.41 -3.40
CA LEU C 50 15.54 4.85 -3.85
C LEU C 50 14.40 5.08 -2.87
N ALA C 51 13.25 5.49 -3.39
CA ALA C 51 12.05 5.60 -2.60
C ALA C 51 11.61 4.22 -2.12
N PHE C 52 10.91 4.19 -0.99
CA PHE C 52 10.40 2.96 -0.39
C PHE C 52 11.47 2.00 0.12
N THR C 53 12.61 2.52 0.57
CA THR C 53 13.62 1.70 1.21
C THR C 53 13.80 2.21 2.63
N GLY C 54 14.20 1.29 3.51
CA GLY C 54 14.23 1.54 4.95
C GLY C 54 15.08 2.72 5.36
N ILE C 55 16.32 2.75 4.89
CA ILE C 55 17.25 3.82 5.26
C ILE C 55 16.78 5.18 4.72
N CYS C 56 16.37 5.23 3.46
CA CYS C 56 15.85 6.48 2.89
C CYS C 56 14.60 6.93 3.64
N GLN C 57 13.72 5.98 4.00
CA GLN C 57 12.54 6.30 4.82
C GLN C 57 12.93 6.98 6.11
N GLY C 58 13.91 6.38 6.80
CA GLY C 58 14.39 6.92 8.07
C GLY C 58 14.96 8.31 7.93
N GLU C 59 15.75 8.53 6.88
CA GLU C 59 16.44 9.81 6.68
C GLU C 59 15.44 10.91 6.37
N LEU C 60 14.50 10.63 5.47
CA LEU C 60 13.51 11.65 5.12
C LEU C 60 12.44 11.82 6.20
N ASP C 61 12.17 10.77 6.97
CA ASP C 61 11.32 10.89 8.17
C ASP C 61 11.94 11.87 9.16
N GLN C 62 13.24 11.77 9.36
CA GLN C 62 13.96 12.66 10.25
C GLN C 62 13.91 14.11 9.71
N LEU C 63 14.04 14.25 8.39
CA LEU C 63 13.92 15.55 7.74
C LEU C 63 12.51 16.12 7.94
N ARG C 64 11.50 15.28 7.73
CA ARG C 64 10.10 15.65 7.98
C ARG C 64 9.84 16.06 9.43
N ASP C 65 10.35 15.28 10.37
CA ASP C 65 10.15 15.55 11.79
C ASP C 65 10.79 16.85 12.27
N HIS C 66 11.83 17.32 11.57
CA HIS C 66 12.55 18.54 11.95
C HIS C 66 12.49 19.59 10.85
N LEU C 67 11.39 19.57 10.09
CA LEU C 67 11.27 20.39 8.88
C LEU C 67 11.43 21.90 9.10
N PRO C 68 10.95 22.44 10.23
CA PRO C 68 11.17 23.88 10.47
C PRO C 68 12.64 24.32 10.48
N GLU C 69 13.56 23.43 10.80
CA GLU C 69 14.99 23.75 10.76
C GLU C 69 15.56 23.76 9.33
N PHE C 70 14.80 23.21 8.39
CA PHE C 70 15.23 23.10 6.99
C PHE C 70 14.42 23.96 6.01
N GLU C 71 13.17 24.26 6.33
CA GLU C 71 12.32 25.15 5.53
C GLU C 71 11.92 26.36 6.36
N ASN C 72 12.57 27.48 6.13
CA ASN C 72 12.30 28.70 6.88
C ASN C 72 12.74 29.91 6.07
N ASP C 73 12.89 31.07 6.69
CA ASP C 73 13.27 32.30 5.99
C ASP C 73 14.70 32.24 5.43
N ASP C 74 15.56 31.45 6.07
CA ASP C 74 16.96 31.37 5.68
C ASP C 74 17.30 30.13 4.83
N SER C 75 16.50 29.07 4.96
CA SER C 75 16.87 27.77 4.40
C SER C 75 15.74 27.10 3.62
N ALA C 76 16.13 26.31 2.63
CA ALA C 76 15.23 25.40 1.93
C ALA C 76 15.92 24.06 1.80
N ALA C 77 15.12 23.02 1.58
CA ALA C 77 15.63 21.67 1.46
C ALA C 77 14.95 20.96 0.28
N LEU C 78 15.77 20.30 -0.54
CA LEU C 78 15.28 19.57 -1.70
C LEU C 78 15.83 18.15 -1.67
N ALA C 79 14.95 17.16 -1.76
CA ALA C 79 15.36 15.77 -1.83
C ALA C 79 15.34 15.35 -3.30
N ILE C 80 16.39 14.66 -3.75
CA ILE C 80 16.55 14.34 -5.16
C ILE C 80 16.89 12.87 -5.35
N SER C 81 16.18 12.23 -6.27
CA SER C 81 16.45 10.85 -6.59
C SER C 81 15.98 10.53 -8.01
N VAL C 82 16.37 9.36 -8.53
CA VAL C 82 16.09 9.01 -9.93
C VAL C 82 14.64 8.59 -10.19
N GLY C 83 13.83 8.50 -9.14
CA GLY C 83 12.42 8.15 -9.30
C GLY C 83 11.61 9.23 -10.00
N PRO C 84 10.58 8.81 -10.77
CA PRO C 84 9.70 9.77 -11.42
C PRO C 84 8.66 10.33 -10.44
N PRO C 85 7.98 11.43 -10.81
CA PRO C 85 7.07 12.11 -9.90
C PRO C 85 5.97 11.22 -9.28
N PRO C 86 5.34 10.33 -10.06
CA PRO C 86 4.31 9.52 -9.44
C PRO C 86 4.82 8.66 -8.29
N THR C 87 6.04 8.15 -8.40
CA THR C 87 6.65 7.39 -7.32
C THR C 87 6.84 8.26 -6.08
N HIS C 88 7.38 9.46 -6.29
CA HIS C 88 7.60 10.38 -5.18
C HIS C 88 6.30 10.90 -4.56
N LYS C 89 5.28 11.08 -5.39
CA LYS C 89 3.99 11.57 -4.92
C LYS C 89 3.35 10.58 -3.93
N ILE C 90 3.27 9.32 -4.33
CA ILE C 90 2.69 8.30 -3.47
C ILE C 90 3.50 8.14 -2.19
N TRP C 91 4.82 8.11 -2.32
CA TRP C 91 5.67 7.98 -1.16
C TRP C 91 5.50 9.17 -0.20
N ALA C 92 5.44 10.37 -0.78
CA ALA C 92 5.32 11.61 0.01
C ALA C 92 3.98 11.70 0.72
N THR C 93 2.91 11.38 0.00
CA THR C 93 1.56 11.36 0.57
C THR C 93 1.46 10.38 1.72
N GLN C 94 1.96 9.17 1.52
CA GLN C 94 1.92 8.13 2.55
C GLN C 94 2.87 8.37 3.72
N SER C 95 3.95 9.11 3.50
CA SER C 95 4.93 9.41 4.55
C SER C 95 4.71 10.79 5.20
N GLY C 96 3.84 11.61 4.60
CA GLY C 96 3.66 12.99 5.05
C GLY C 96 4.85 13.90 4.76
N PHE C 97 5.48 13.71 3.60
CA PHE C 97 6.55 14.61 3.16
C PHE C 97 5.92 15.78 2.40
N THR C 98 6.11 17.00 2.91
CA THR C 98 5.57 18.21 2.27
C THR C 98 6.64 19.04 1.59
N PHE C 99 7.90 18.67 1.81
CA PHE C 99 9.03 19.30 1.13
C PHE C 99 9.16 18.71 -0.27
N PRO C 100 9.91 19.39 -1.16
CA PRO C 100 10.02 18.89 -2.53
C PRO C 100 10.89 17.63 -2.67
N LEU C 101 10.34 16.61 -3.34
CA LEU C 101 11.11 15.47 -3.84
C LEU C 101 11.21 15.61 -5.35
N LEU C 102 12.45 15.72 -5.86
CA LEU C 102 12.67 16.04 -7.26
C LEU C 102 13.14 14.82 -8.05
N SER C 103 12.68 14.73 -9.29
CA SER C 103 12.94 13.57 -10.14
C SER C 103 14.13 13.77 -11.07
N ASP C 104 15.22 13.07 -10.78
CA ASP C 104 16.38 13.01 -11.65
C ASP C 104 16.22 11.76 -12.54
N PHE C 105 15.14 11.73 -13.32
CA PHE C 105 14.60 10.51 -13.89
C PHE C 105 14.96 10.29 -15.35
N TRP C 106 14.85 11.35 -16.15
CA TRP C 106 15.11 11.25 -17.58
C TRP C 106 15.56 12.62 -18.12
N PRO C 107 16.86 12.76 -18.45
CA PRO C 107 17.92 11.73 -18.46
C PRO C 107 18.22 11.15 -17.08
N HIS C 108 18.51 9.85 -17.04
CA HIS C 108 18.57 9.08 -15.80
C HIS C 108 19.84 9.45 -15.03
N GLY C 109 19.66 10.10 -13.89
CA GLY C 109 20.78 10.43 -13.01
C GLY C 109 21.67 11.57 -13.47
N ALA C 110 21.17 12.40 -14.39
CA ALA C 110 21.99 13.47 -14.96
C ALA C 110 22.44 14.50 -13.92
N VAL C 111 21.52 14.93 -13.08
CA VAL C 111 21.86 15.89 -12.03
C VAL C 111 22.80 15.23 -11.02
N SER C 112 22.49 14.00 -10.62
CA SER C 112 23.36 13.26 -9.71
C SER C 112 24.79 13.16 -10.25
N GLN C 113 24.92 12.92 -11.55
CA GLN C 113 26.23 12.84 -12.22
C GLN C 113 26.94 14.18 -12.21
N ALA C 114 26.21 15.27 -12.41
CA ALA C 114 26.77 16.62 -12.38
C ALA C 114 27.36 16.98 -11.01
N TYR C 115 26.80 16.40 -9.94
CA TYR C 115 27.31 16.61 -8.57
C TYR C 115 28.35 15.57 -8.17
N GLY C 116 28.59 14.59 -9.04
CA GLY C 116 29.57 13.54 -8.79
C GLY C 116 29.14 12.51 -7.74
N VAL C 117 27.82 12.34 -7.57
CA VAL C 117 27.28 11.44 -6.55
C VAL C 117 26.42 10.33 -7.12
N PHE C 118 26.57 10.08 -8.42
CA PHE C 118 25.85 9.00 -9.07
C PHE C 118 26.63 7.70 -8.94
N ASN C 119 25.94 6.62 -8.59
CA ASN C 119 26.51 5.28 -8.56
C ASN C 119 26.30 4.63 -9.92
N GLU C 120 27.35 4.59 -10.73
CA GLU C 120 27.28 4.07 -12.11
C GLU C 120 26.91 2.59 -12.17
N GLN C 121 27.29 1.84 -11.14
CA GLN C 121 27.03 0.39 -11.10
C GLN C 121 25.54 0.10 -10.89
N ALA C 122 24.97 0.66 -9.82
CA ALA C 122 23.58 0.42 -9.46
C ALA C 122 22.56 1.33 -10.18
N GLY C 123 23.02 2.43 -10.75
CA GLY C 123 22.12 3.38 -11.43
C GLY C 123 21.27 4.21 -10.48
N ILE C 124 21.82 4.56 -9.34
CA ILE C 124 21.10 5.35 -8.34
C ILE C 124 22.04 6.40 -7.78
N ALA C 125 21.48 7.46 -7.19
CA ALA C 125 22.30 8.42 -6.49
C ALA C 125 22.78 7.79 -5.19
N ASN C 126 24.05 8.03 -4.86
CA ASN C 126 24.54 7.73 -3.53
C ASN C 126 23.94 8.73 -2.54
N ARG C 127 24.20 8.52 -1.26
CA ARG C 127 23.68 9.41 -0.23
C ARG C 127 24.57 10.65 -0.10
N GLY C 128 24.48 11.52 -1.11
CA GLY C 128 25.22 12.76 -1.14
C GLY C 128 24.38 13.89 -0.61
N THR C 129 25.03 14.79 0.11
CA THR C 129 24.37 15.93 0.70
C THR C 129 25.20 17.17 0.45
N PHE C 130 24.53 18.25 0.09
CA PHE C 130 25.22 19.51 -0.13
C PHE C 130 24.44 20.63 0.52
N VAL C 131 25.16 21.65 0.96
CA VAL C 131 24.55 22.93 1.26
C VAL C 131 25.07 23.95 0.26
N VAL C 132 24.15 24.59 -0.44
CA VAL C 132 24.46 25.60 -1.44
C VAL C 132 24.09 26.94 -0.83
N ASP C 133 25.03 27.88 -0.80
CA ASP C 133 24.78 29.19 -0.18
C ASP C 133 24.03 30.11 -1.12
N ARG C 134 23.75 31.32 -0.65
CA ARG C 134 22.97 32.29 -1.44
C ARG C 134 23.64 32.72 -2.75
N SER C 135 24.94 32.42 -2.91
CA SER C 135 25.67 32.76 -4.12
C SER C 135 25.79 31.58 -5.09
N GLY C 136 25.30 30.41 -4.68
CA GLY C 136 25.36 29.21 -5.53
C GLY C 136 26.63 28.42 -5.37
N ILE C 137 27.36 28.68 -4.28
CA ILE C 137 28.60 27.98 -4.00
C ILE C 137 28.33 26.87 -2.98
N ILE C 138 28.91 25.71 -3.21
CA ILE C 138 28.80 24.60 -2.28
C ILE C 138 29.62 24.92 -1.05
N ARG C 139 28.97 24.86 0.11
CA ARG C 139 29.62 25.16 1.40
C ARG C 139 29.70 23.96 2.32
N PHE C 140 29.01 22.87 1.95
CA PHE C 140 29.05 21.62 2.69
C PHE C 140 28.85 20.48 1.70
N ALA C 141 29.64 19.42 1.87
CA ALA C 141 29.59 18.28 0.94
C ALA C 141 29.95 17.00 1.67
N GLU C 142 29.05 16.03 1.61
CA GLU C 142 29.31 14.70 2.14
C GLU C 142 28.77 13.66 1.16
N MET C 143 29.33 12.46 1.19
CA MET C 143 28.78 11.33 0.43
C MET C 143 28.89 10.03 1.20
N LYS C 144 27.72 9.49 1.57
CA LYS C 144 27.62 8.23 2.24
C LYS C 144 27.08 7.25 1.20
N GLN C 145 27.40 5.97 1.37
CA GLN C 145 26.89 4.91 0.49
C GLN C 145 25.46 4.52 0.86
N PRO C 146 24.74 3.83 -0.05
CA PRO C 146 23.34 3.46 0.24
C PRO C 146 23.12 2.62 1.50
N GLY C 147 24.15 1.92 1.99
CA GLY C 147 24.05 1.17 3.25
C GLY C 147 24.41 1.93 4.53
N GLU C 148 24.76 3.20 4.41
CA GLU C 148 25.18 4.02 5.56
C GLU C 148 24.13 5.07 5.86
N VAL C 149 24.06 5.52 7.11
CA VAL C 149 23.13 6.55 7.51
C VAL C 149 23.89 7.86 7.72
N ARG C 150 23.29 8.98 7.31
CA ARG C 150 23.85 10.33 7.50
C ARG C 150 23.44 10.95 8.83
N ASP C 151 24.27 11.88 9.31
CA ASP C 151 24.01 12.61 10.54
C ASP C 151 23.37 13.98 10.24
N GLN C 152 22.09 14.11 10.51
CA GLN C 152 21.34 15.34 10.18
C GLN C 152 21.73 16.55 11.05
N ARG C 153 22.38 16.29 12.19
CA ARG C 153 22.93 17.37 13.03
C ARG C 153 23.99 18.17 12.27
N LEU C 154 24.74 17.51 11.38
CA LEU C 154 25.68 18.21 10.51
C LEU C 154 24.97 19.13 9.52
N TRP C 155 23.81 18.70 9.00
CA TRP C 155 23.04 19.52 8.05
C TRP C 155 22.59 20.83 8.69
N THR C 156 21.94 20.74 9.86
CA THR C 156 21.42 21.94 10.53
C THR C 156 22.56 22.83 11.02
N ASP C 157 23.66 22.20 11.45
CA ASP C 157 24.88 22.92 11.83
C ASP C 157 25.41 23.78 10.68
N ALA C 158 25.54 23.15 9.53
CA ALA C 158 26.02 23.82 8.33
C ALA C 158 25.08 24.93 7.88
N LEU C 159 23.76 24.68 7.94
CA LEU C 159 22.78 25.71 7.61
C LEU C 159 22.81 26.88 8.59
N ALA C 160 22.94 26.58 9.88
CA ALA C 160 22.98 27.59 10.94
C ALA C 160 24.19 28.52 10.78
N ALA C 161 25.30 27.94 10.34
CA ALA C 161 26.54 28.70 10.16
C ALA C 161 26.48 29.71 9.01
N LEU C 162 25.50 29.59 8.12
CA LEU C 162 25.37 30.48 6.97
C LEU C 162 24.20 31.48 7.09
N THR C 163 23.67 31.66 8.31
CA THR C 163 22.48 32.50 8.48
C THR C 163 22.77 33.99 8.38
N ALA C 164 21.84 34.73 7.78
CA ALA C 164 21.90 36.19 7.63
C ALA C 164 23.02 36.67 6.70
N MET D 10 13.52 1.15 -33.91
CA MET D 10 12.57 2.30 -33.93
C MET D 10 11.10 1.86 -33.94
N VAL D 11 10.84 0.61 -34.36
CA VAL D 11 9.49 0.07 -34.39
C VAL D 11 9.44 -1.21 -33.60
N MET D 12 8.21 -1.50 -33.21
CA MET D 12 7.88 -2.64 -32.41
C MET D 12 8.22 -3.94 -33.13
N LEU D 13 8.81 -4.88 -32.40
CA LEU D 13 9.06 -6.21 -32.96
C LEU D 13 7.73 -6.87 -33.31
N ASN D 14 7.70 -7.55 -34.45
CA ASN D 14 6.53 -8.24 -35.00
C ASN D 14 6.51 -9.74 -34.70
N VAL D 15 5.34 -10.36 -34.87
CA VAL D 15 5.21 -11.82 -34.86
C VAL D 15 6.24 -12.43 -35.82
N GLY D 16 6.88 -13.53 -35.38
CA GLY D 16 7.93 -14.19 -36.16
C GLY D 16 9.33 -13.89 -35.69
N ALA D 17 9.52 -12.76 -34.99
CA ALA D 17 10.84 -12.39 -34.51
C ALA D 17 11.23 -13.19 -33.27
N THR D 18 12.53 -13.38 -33.10
CA THR D 18 13.06 -13.93 -31.85
C THR D 18 12.91 -12.88 -30.77
N ALA D 19 12.35 -13.29 -29.63
CA ALA D 19 12.19 -12.40 -28.49
C ALA D 19 13.57 -12.18 -27.89
N PRO D 20 14.05 -10.93 -27.86
CA PRO D 20 15.32 -10.69 -27.18
C PRO D 20 15.36 -11.23 -25.75
N ASP D 21 16.44 -11.90 -25.38
CA ASP D 21 16.61 -12.43 -24.05
C ASP D 21 16.92 -11.29 -23.07
N PHE D 22 16.60 -11.50 -21.80
CA PHE D 22 16.90 -10.52 -20.77
C PHE D 22 17.05 -11.20 -19.43
N THR D 23 17.77 -10.55 -18.52
CA THR D 23 17.83 -10.96 -17.13
C THR D 23 17.54 -9.72 -16.30
N LEU D 24 16.47 -9.76 -15.52
CA LEU D 24 16.04 -8.60 -14.75
C LEU D 24 15.66 -8.97 -13.33
N ARG D 25 15.77 -8.00 -12.43
CA ARG D 25 15.39 -8.19 -11.04
C ARG D 25 13.88 -8.05 -10.92
N ASP D 26 13.24 -8.97 -10.21
CA ASP D 26 11.83 -8.84 -9.90
C ASP D 26 11.65 -8.00 -8.62
N GLN D 27 10.41 -7.87 -8.16
CA GLN D 27 10.11 -7.00 -7.02
C GLN D 27 10.76 -7.44 -5.70
N ASN D 28 11.23 -8.69 -5.64
CA ASN D 28 11.97 -9.20 -4.48
C ASN D 28 13.47 -9.33 -4.76
N GLN D 29 13.97 -8.59 -5.74
CA GLN D 29 15.38 -8.59 -6.11
C GLN D 29 15.92 -9.94 -6.61
N GLN D 30 15.03 -10.81 -7.09
CA GLN D 30 15.45 -12.11 -7.64
C GLN D 30 15.57 -12.02 -9.15
N LEU D 31 16.57 -12.68 -9.70
CA LEU D 31 16.83 -12.65 -11.14
C LEU D 31 15.83 -13.51 -11.91
N VAL D 32 15.21 -12.90 -12.92
CA VAL D 32 14.27 -13.61 -13.79
C VAL D 32 14.78 -13.45 -15.22
N THR D 33 14.88 -14.57 -15.92
CA THR D 33 15.35 -14.58 -17.31
C THR D 33 14.29 -15.17 -18.22
N LEU D 34 14.13 -14.58 -19.40
CA LEU D 34 13.18 -15.09 -20.38
C LEU D 34 13.57 -16.48 -20.83
N ARG D 35 14.86 -16.70 -21.05
CA ARG D 35 15.42 -18.01 -21.46
C ARG D 35 14.95 -19.15 -20.56
N GLY D 36 14.85 -18.91 -19.26
CA GLY D 36 14.44 -19.93 -18.29
C GLY D 36 13.08 -20.57 -18.52
N TYR D 37 12.21 -19.91 -19.29
CA TYR D 37 10.90 -20.44 -19.63
C TYR D 37 10.90 -21.28 -20.91
N ARG D 38 12.00 -21.22 -21.66
CA ARG D 38 12.06 -21.88 -22.95
C ARG D 38 11.91 -23.38 -22.81
N GLY D 39 11.12 -23.96 -23.70
CA GLY D 39 10.85 -25.39 -23.67
C GLY D 39 9.87 -25.81 -22.59
N ALA D 40 9.34 -24.85 -21.83
CA ALA D 40 8.47 -25.16 -20.68
C ALA D 40 7.14 -24.44 -20.74
N LYS D 41 7.18 -23.11 -20.92
CA LYS D 41 5.96 -22.30 -20.92
C LYS D 41 5.95 -21.20 -21.98
N ASN D 42 4.75 -20.84 -22.42
CA ASN D 42 4.55 -19.65 -23.23
C ASN D 42 4.52 -18.48 -22.27
N VAL D 43 5.18 -17.38 -22.64
CA VAL D 43 5.34 -16.25 -21.76
C VAL D 43 4.63 -15.02 -22.30
N LEU D 44 3.73 -14.49 -21.50
CA LEU D 44 3.12 -13.20 -21.76
C LEU D 44 4.04 -12.11 -21.18
N LEU D 45 4.44 -11.17 -22.03
CA LEU D 45 5.21 -10.00 -21.59
C LEU D 45 4.32 -8.76 -21.66
N VAL D 46 4.12 -8.12 -20.51
CA VAL D 46 3.28 -6.94 -20.43
C VAL D 46 4.13 -5.73 -20.03
N PHE D 47 4.55 -4.94 -21.02
CA PHE D 47 5.26 -3.71 -20.75
C PHE D 47 4.26 -2.68 -20.28
N PHE D 48 4.61 -1.95 -19.23
CA PHE D 48 3.78 -0.86 -18.75
C PHE D 48 4.65 0.36 -18.44
N PRO D 49 4.10 1.58 -18.62
CA PRO D 49 4.91 2.78 -18.46
C PRO D 49 5.34 3.09 -17.02
N LEU D 50 4.39 3.22 -16.10
CA LEU D 50 4.71 3.65 -14.75
C LEU D 50 3.83 3.02 -13.70
N ALA D 51 4.45 2.58 -12.61
CA ALA D 51 3.72 2.13 -11.44
C ALA D 51 2.97 3.29 -10.81
N PHE D 52 1.86 2.98 -10.15
CA PHE D 52 1.02 3.96 -9.46
C PHE D 52 0.31 4.93 -10.40
N THR D 53 -0.04 4.50 -11.60
CA THR D 53 -0.88 5.31 -12.50
C THR D 53 -2.16 4.54 -12.78
N GLY D 54 -3.22 5.28 -13.05
CA GLY D 54 -4.58 4.73 -13.12
C GLY D 54 -4.76 3.63 -14.15
N ILE D 55 -4.33 3.89 -15.38
CA ILE D 55 -4.48 2.93 -16.46
C ILE D 55 -3.64 1.65 -16.20
N GLN D 57 -2.71 0.56 -13.29
CA GLN D 57 -3.40 -0.09 -12.18
C GLN D 57 -4.52 -0.99 -12.69
N GLY D 58 -5.35 -0.42 -13.56
CA GLY D 58 -6.48 -1.13 -14.14
C GLY D 58 -6.07 -2.36 -14.91
N GLU D 59 -5.01 -2.22 -15.70
CA GLU D 59 -4.55 -3.33 -16.54
C GLU D 59 -3.97 -4.48 -15.71
N LEU D 60 -3.12 -4.16 -14.73
CA LEU D 60 -2.53 -5.19 -13.90
C LEU D 60 -3.54 -5.76 -12.90
N ASP D 61 -4.54 -4.96 -12.51
CA ASP D 61 -5.65 -5.47 -11.71
C ASP D 61 -6.41 -6.56 -12.47
N GLN D 62 -6.64 -6.34 -13.76
N GLN D 62 -6.68 -6.33 -13.76
CA GLN D 62 -7.31 -7.34 -14.60
CA GLN D 62 -7.30 -7.34 -14.64
C GLN D 62 -6.45 -8.59 -14.71
C GLN D 62 -6.44 -8.60 -14.67
N LEU D 63 -5.14 -8.41 -14.85
CA LEU D 63 -4.20 -9.53 -14.87
C LEU D 63 -4.25 -10.31 -13.54
N ARG D 64 -4.23 -9.58 -12.44
CA ARG D 64 -4.38 -10.18 -11.12
C ARG D 64 -5.69 -10.96 -10.97
N ASP D 65 -6.80 -10.34 -11.38
CA ASP D 65 -8.12 -10.94 -11.23
C ASP D 65 -8.31 -12.22 -12.06
N HIS D 66 -7.53 -12.38 -13.12
CA HIS D 66 -7.62 -13.56 -13.98
C HIS D 66 -6.29 -14.33 -14.01
N LEU D 67 -5.55 -14.28 -12.90
CA LEU D 67 -4.19 -14.82 -12.85
C LEU D 67 -4.06 -16.30 -13.21
N PRO D 68 -5.04 -17.15 -12.82
CA PRO D 68 -4.94 -18.58 -13.19
C PRO D 68 -4.86 -18.83 -14.70
N GLU D 69 -5.37 -17.92 -15.51
CA GLU D 69 -5.27 -18.03 -16.95
C GLU D 69 -3.91 -17.62 -17.49
N PHE D 70 -3.10 -16.96 -16.66
CA PHE D 70 -1.78 -16.47 -17.05
C PHE D 70 -0.61 -17.19 -16.38
N GLU D 71 -0.83 -17.73 -15.18
CA GLU D 71 0.19 -18.51 -14.47
C GLU D 71 -0.33 -19.92 -14.22
N ASN D 72 0.15 -20.86 -15.02
CA ASN D 72 -0.30 -22.25 -14.92
C ASN D 72 0.78 -23.17 -15.52
N ASP D 73 0.43 -24.41 -15.84
CA ASP D 73 1.39 -25.37 -16.39
C ASP D 73 1.87 -24.98 -17.79
N ASP D 74 1.04 -24.26 -18.54
CA ASP D 74 1.35 -23.89 -19.91
C ASP D 74 1.88 -22.47 -20.08
N SER D 75 1.54 -21.58 -19.13
CA SER D 75 1.76 -20.15 -19.32
C SER D 75 2.38 -19.46 -18.11
N ALA D 76 3.14 -18.40 -18.40
CA ALA D 76 3.66 -17.49 -17.38
C ALA D 76 3.46 -16.09 -17.89
N ALA D 77 3.46 -15.14 -16.97
CA ALA D 77 3.25 -13.75 -17.29
C ALA D 77 4.26 -12.90 -16.55
N LEU D 78 4.89 -11.96 -17.26
CA LEU D 78 5.85 -11.05 -16.67
C LEU D 78 5.47 -9.63 -17.01
N ALA D 79 5.36 -8.77 -16.00
CA ALA D 79 5.13 -7.34 -16.22
C ALA D 79 6.45 -6.62 -16.13
N ILE D 80 6.70 -5.70 -17.05
CA ILE D 80 8.00 -5.04 -17.16
C ILE D 80 7.86 -3.54 -17.27
N SER D 81 8.63 -2.81 -16.47
CA SER D 81 8.67 -1.36 -16.55
C SER D 81 10.01 -0.87 -16.04
N VAL D 82 10.26 0.43 -16.20
CA VAL D 82 11.57 1.02 -15.87
C VAL D 82 11.77 1.26 -14.38
N GLY D 83 10.73 1.01 -13.58
CA GLY D 83 10.84 1.19 -12.14
C GLY D 83 11.78 0.19 -11.48
N PRO D 84 12.46 0.60 -10.40
CA PRO D 84 13.31 -0.32 -9.68
C PRO D 84 12.50 -1.22 -8.74
N PRO D 85 13.11 -2.31 -8.24
CA PRO D 85 12.40 -3.28 -7.43
C PRO D 85 11.63 -2.73 -6.21
N PRO D 86 12.21 -1.80 -5.45
CA PRO D 86 11.44 -1.30 -4.31
C PRO D 86 10.11 -0.66 -4.69
N THR D 87 10.09 0.04 -5.82
CA THR D 87 8.85 0.64 -6.33
C THR D 87 7.84 -0.45 -6.65
N HIS D 88 8.28 -1.48 -7.36
CA HIS D 88 7.39 -2.58 -7.73
C HIS D 88 6.95 -3.42 -6.54
N LYS D 89 7.81 -3.56 -5.54
CA LYS D 89 7.48 -4.32 -4.33
C LYS D 89 6.31 -3.67 -3.59
N ILE D 90 6.41 -2.37 -3.33
CA ILE D 90 5.35 -1.67 -2.62
C ILE D 90 4.05 -1.67 -3.42
N TRP D 91 4.15 -1.41 -4.72
CA TRP D 91 2.97 -1.41 -5.56
C TRP D 91 2.31 -2.79 -5.58
N ALA D 92 3.13 -3.84 -5.69
CA ALA D 92 2.64 -5.21 -5.76
C ALA D 92 1.99 -5.65 -4.45
N THR D 93 2.63 -5.35 -3.34
CA THR D 93 2.08 -5.65 -2.02
C THR D 93 0.74 -4.97 -1.83
N GLN D 94 0.67 -3.68 -2.15
CA GLN D 94 -0.56 -2.91 -1.95
C GLN D 94 -1.66 -3.26 -2.94
N SER D 95 -1.30 -3.78 -4.11
CA SER D 95 -2.27 -4.15 -5.13
C SER D 95 -2.57 -5.65 -5.15
N GLY D 96 -1.81 -6.45 -4.40
CA GLY D 96 -1.95 -7.89 -4.40
C GLY D 96 -1.50 -8.52 -5.70
N PHE D 97 -0.42 -8.01 -6.28
CA PHE D 97 0.20 -8.62 -7.45
C PHE D 97 1.23 -9.66 -6.97
N THR D 98 0.99 -10.93 -7.29
CA THR D 98 1.89 -12.01 -6.90
C THR D 98 2.69 -12.55 -8.09
N PHE D 99 2.40 -12.04 -9.27
CA PHE D 99 3.19 -12.34 -10.48
C PHE D 99 4.43 -11.43 -10.52
N PRO D 100 5.43 -11.77 -11.36
CA PRO D 100 6.66 -10.97 -11.39
C PRO D 100 6.48 -9.63 -12.07
N LEU D 101 6.92 -8.57 -11.37
CA LEU D 101 7.13 -7.25 -11.96
C LEU D 101 8.63 -7.06 -12.08
N LEU D 102 9.11 -6.87 -13.31
CA LEU D 102 10.55 -6.81 -13.57
C LEU D 102 11.02 -5.39 -13.84
N SER D 103 12.23 -5.09 -13.37
CA SER D 103 12.79 -3.75 -13.46
C SER D 103 13.71 -3.59 -14.66
N ASP D 104 13.25 -2.81 -15.64
CA ASP D 104 14.07 -2.40 -16.77
C ASP D 104 14.70 -1.05 -16.44
N PHE D 105 15.46 -1.04 -15.35
CA PHE D 105 15.81 0.19 -14.62
C PHE D 105 17.20 0.73 -14.94
N TRP D 106 18.19 -0.16 -14.99
CA TRP D 106 19.58 0.24 -15.24
C TRP D 106 20.36 -0.89 -15.92
N PRO D 107 20.68 -0.74 -17.22
CA PRO D 107 20.45 0.41 -18.10
C PRO D 107 18.96 0.73 -18.30
N HIS D 108 18.65 2.02 -18.36
CA HIS D 108 17.28 2.52 -18.32
C HIS D 108 16.55 2.21 -19.63
N GLY D 109 15.56 1.32 -19.57
CA GLY D 109 14.73 1.02 -20.71
C GLY D 109 15.38 0.15 -21.78
N ALA D 110 16.46 -0.54 -21.43
CA ALA D 110 17.22 -1.31 -22.42
C ALA D 110 16.40 -2.45 -23.02
N VAL D 111 15.70 -3.18 -22.17
CA VAL D 111 14.87 -4.28 -22.66
C VAL D 111 13.70 -3.72 -23.48
N SER D 112 13.06 -2.67 -22.97
CA SER D 112 11.98 -2.01 -23.71
C SER D 112 12.42 -1.57 -25.12
N GLN D 113 13.64 -1.02 -25.21
CA GLN D 113 14.22 -0.63 -26.50
C GLN D 113 14.45 -1.82 -27.42
N ALA D 114 14.93 -2.92 -26.86
CA ALA D 114 15.17 -4.14 -27.64
C ALA D 114 13.88 -4.70 -28.26
N TYR D 115 12.74 -4.47 -27.61
CA TYR D 115 11.44 -4.91 -28.12
C TYR D 115 10.75 -3.83 -28.98
N GLY D 116 11.37 -2.66 -29.06
CA GLY D 116 10.85 -1.58 -29.90
C GLY D 116 9.64 -0.88 -29.31
N VAL D 117 9.52 -0.94 -27.98
CA VAL D 117 8.35 -0.37 -27.31
C VAL D 117 8.73 0.74 -26.31
N PHE D 118 9.94 1.28 -26.42
CA PHE D 118 10.40 2.35 -25.53
C PHE D 118 10.03 3.72 -26.08
N ASN D 119 9.49 4.58 -25.21
CA ASN D 119 9.21 5.97 -25.56
C ASN D 119 10.44 6.82 -25.20
N GLU D 120 11.20 7.19 -26.23
N GLU D 120 11.23 7.16 -26.21
CA GLU D 120 12.46 7.95 -26.04
CA GLU D 120 12.48 7.90 -25.99
C GLU D 120 12.25 9.30 -25.41
C GLU D 120 12.28 9.33 -25.45
N GLN D 121 11.10 9.93 -25.70
CA GLN D 121 10.83 11.28 -25.18
C GLN D 121 10.58 11.25 -23.68
N ALA D 122 9.62 10.42 -23.25
CA ALA D 122 9.21 10.37 -21.84
C ALA D 122 10.11 9.48 -20.97
N GLY D 123 10.88 8.60 -21.61
CA GLY D 123 11.74 7.67 -20.87
C GLY D 123 11.00 6.56 -20.17
N ILE D 124 9.92 6.06 -20.79
CA ILE D 124 9.13 4.98 -20.24
C ILE D 124 8.76 3.99 -21.34
N ALA D 125 8.40 2.77 -20.97
CA ALA D 125 7.87 1.81 -21.94
C ALA D 125 6.46 2.22 -22.33
N ASN D 126 6.14 2.11 -23.61
CA ASN D 126 4.75 2.17 -24.06
C ASN D 126 4.03 0.88 -23.65
N ARG D 127 2.71 0.83 -23.88
CA ARG D 127 1.89 -0.32 -23.52
C ARG D 127 1.96 -1.42 -24.57
N GLY D 128 3.13 -2.06 -24.62
CA GLY D 128 3.37 -3.16 -25.54
C GLY D 128 3.11 -4.50 -24.84
N THR D 129 2.60 -5.45 -25.60
CA THR D 129 2.34 -6.79 -25.09
C THR D 129 2.83 -7.82 -26.09
N PHE D 130 3.46 -8.87 -25.59
CA PHE D 130 3.94 -9.93 -26.45
C PHE D 130 3.58 -11.28 -25.85
N VAL D 131 3.36 -12.27 -26.69
CA VAL D 131 3.39 -13.67 -26.26
C VAL D 131 4.60 -14.32 -26.93
N VAL D 132 5.46 -14.90 -26.11
CA VAL D 132 6.65 -15.61 -26.56
C VAL D 132 6.39 -17.10 -26.38
N ASP D 133 6.56 -17.88 -27.44
CA ASP D 133 6.27 -19.31 -27.34
C ASP D 133 7.42 -20.08 -26.69
N ARG D 134 7.27 -21.39 -26.59
CA ARG D 134 8.29 -22.26 -25.97
C ARG D 134 9.64 -22.26 -26.69
N SER D 135 9.69 -21.75 -27.92
CA SER D 135 10.93 -21.68 -28.68
C SER D 135 11.59 -20.31 -28.65
N GLY D 136 10.93 -19.35 -28.00
CA GLY D 136 11.46 -18.00 -27.91
C GLY D 136 11.07 -17.10 -29.08
N ILE D 137 10.06 -17.52 -29.83
CA ILE D 137 9.56 -16.74 -30.96
C ILE D 137 8.33 -15.94 -30.53
N ILE D 138 8.26 -14.70 -30.98
CA ILE D 138 7.10 -13.85 -30.71
C ILE D 138 5.94 -14.33 -31.56
N ARG D 139 4.83 -14.64 -30.91
CA ARG D 139 3.63 -15.14 -31.58
C ARG D 139 2.45 -14.19 -31.50
N PHE D 140 2.57 -13.15 -30.68
CA PHE D 140 1.53 -12.11 -30.53
C PHE D 140 2.25 -10.81 -30.18
N ALA D 141 1.82 -9.72 -30.80
CA ALA D 141 2.45 -8.43 -30.59
C ALA D 141 1.41 -7.34 -30.74
N GLU D 142 1.23 -6.52 -29.71
CA GLU D 142 0.32 -5.38 -29.77
C GLU D 142 0.99 -4.17 -29.11
N MET D 143 0.53 -3.00 -29.53
CA MET D 143 0.92 -1.76 -28.91
C MET D 143 -0.34 -0.90 -28.90
N LYS D 144 -0.79 -0.51 -27.71
CA LYS D 144 -2.06 0.24 -27.59
C LYS D 144 -1.95 1.75 -27.58
N GLN D 145 -2.98 2.43 -28.09
CA GLN D 145 -2.98 3.89 -28.14
C GLN D 145 -3.33 4.50 -26.77
N PRO D 146 -2.81 5.72 -26.50
CA PRO D 146 -2.77 6.23 -25.12
C PRO D 146 -4.09 6.33 -24.33
N GLY D 147 -5.20 6.53 -25.01
CA GLY D 147 -6.50 6.61 -24.33
C GLY D 147 -7.23 5.29 -24.12
N GLU D 148 -6.66 4.17 -24.58
CA GLU D 148 -7.33 2.88 -24.54
C GLU D 148 -6.64 1.93 -23.55
N VAL D 149 -7.40 1.02 -22.95
CA VAL D 149 -6.83 -0.02 -22.09
C VAL D 149 -6.81 -1.31 -22.86
N ARG D 150 -5.77 -2.10 -22.65
CA ARG D 150 -5.58 -3.29 -23.46
C ARG D 150 -6.63 -4.32 -23.04
N ASP D 151 -6.98 -5.19 -23.98
CA ASP D 151 -8.03 -6.18 -23.80
C ASP D 151 -7.41 -7.52 -23.40
N GLN D 152 -7.59 -7.90 -22.15
CA GLN D 152 -6.98 -9.12 -21.60
C GLN D 152 -7.52 -10.41 -22.19
N ARG D 153 -8.72 -10.34 -22.75
CA ARG D 153 -9.30 -11.47 -23.45
C ARG D 153 -8.43 -11.88 -24.65
N LEU D 154 -7.78 -10.93 -25.30
CA LEU D 154 -6.84 -11.25 -26.39
C LEU D 154 -5.63 -12.01 -25.87
N TRP D 155 -5.17 -11.63 -24.69
CA TRP D 155 -3.97 -12.25 -24.12
C TRP D 155 -4.24 -13.73 -23.83
N THR D 156 -5.35 -14.03 -23.16
CA THR D 156 -5.70 -15.40 -22.81
C THR D 156 -6.04 -16.23 -24.03
N ASP D 157 -6.70 -15.61 -25.01
CA ASP D 157 -6.98 -16.27 -26.27
C ASP D 157 -5.68 -16.67 -26.98
N ALA D 158 -4.71 -15.74 -27.06
CA ALA D 158 -3.41 -16.01 -27.69
C ALA D 158 -2.66 -17.11 -26.96
N LEU D 159 -2.70 -17.08 -25.63
CA LEU D 159 -2.07 -18.11 -24.81
C LEU D 159 -2.74 -19.47 -25.00
N ALA D 160 -4.07 -19.48 -25.03
CA ALA D 160 -4.84 -20.72 -25.20
C ALA D 160 -4.55 -21.38 -26.56
N ALA D 161 -4.32 -20.57 -27.58
CA ALA D 161 -4.05 -21.05 -28.92
C ALA D 161 -2.68 -21.73 -29.06
N LEU D 162 -1.79 -21.54 -28.09
CA LEU D 162 -0.44 -22.12 -28.12
C LEU D 162 -0.27 -23.29 -27.13
N THR D 163 -1.37 -23.84 -26.62
CA THR D 163 -1.28 -24.91 -25.60
C THR D 163 -0.97 -26.24 -26.32
N ALA D 164 -1.74 -26.50 -27.37
CA ALA D 164 -1.54 -27.68 -28.22
C ALA D 164 -0.11 -27.76 -28.77
#